data_1CYN
#
_entry.id   1CYN
#
_cell.length_a   37.460
_cell.length_b   46.944
_cell.length_c   115.442
_cell.angle_alpha   90.00
_cell.angle_beta   90.00
_cell.angle_gamma   90.00
#
_symmetry.space_group_name_H-M   'P 21 21 21'
#
loop_
_entity.id
_entity.type
_entity.pdbx_description
1 polymer 'PEPTIDYL-PROLYL CIS-TRANS ISOMERASE B'
2 polymer 'CYCLOSPORIN A'
3 water water
#
loop_
_entity_poly.entity_id
_entity_poly.type
_entity_poly.pdbx_seq_one_letter_code
_entity_poly.pdbx_strand_id
1 'polypeptide(L)'
;GPKVTVKVYFDLRIGDEDVGRVIFGLFGKTVPKTVDNFVALATGEKGFGYKNSKFHRVIKDFMIQGGDFTRGDGTGGKSI
YGERFPDENFKLKHYGPGWVSMANAGKDTNGSQFFITTVKTAWLDGKHVVFGKVLEGMEVVRKVESTKTDSRDKPLKDVI
IADCGKIEVEKPFAIAKE
;
A
2 'polypeptide(L)' (DSN)(MLE)(MLE)(MVA)(BMT)(ABA)(SAR)(MLE)V(MLE)A C
#
# COMPACT_ATOMS: atom_id res chain seq x y z
N GLY A 1 19.04 -4.98 2.41
CA GLY A 1 18.75 -5.29 1.02
C GLY A 1 18.70 -4.00 0.19
N PRO A 2 17.57 -3.67 -0.46
CA PRO A 2 17.39 -2.41 -1.16
C PRO A 2 17.40 -1.28 -0.12
N LYS A 3 17.60 -0.05 -0.56
CA LYS A 3 17.64 1.08 0.33
C LYS A 3 16.35 1.86 0.42
N VAL A 4 15.96 2.22 1.63
CA VAL A 4 14.81 3.07 1.90
C VAL A 4 15.23 4.50 1.59
N THR A 5 14.49 5.16 0.71
CA THR A 5 14.82 6.53 0.33
C THR A 5 13.81 7.56 0.85
N VAL A 6 12.62 7.16 1.31
CA VAL A 6 11.56 8.06 1.77
C VAL A 6 10.72 7.17 2.66
N LYS A 7 10.02 7.78 3.62
CA LYS A 7 9.06 7.04 4.43
C LYS A 7 7.72 7.74 4.31
N VAL A 8 6.63 7.02 4.56
CA VAL A 8 5.27 7.51 4.46
C VAL A 8 4.56 6.98 5.69
N TYR A 9 3.76 7.77 6.41
CA TYR A 9 3.00 7.22 7.52
C TYR A 9 1.53 7.25 7.16
N PHE A 10 0.76 6.31 7.70
CA PHE A 10 -0.69 6.31 7.63
C PHE A 10 -1.18 6.19 9.08
N ASP A 11 -2.18 6.98 9.46
CA ASP A 11 -2.86 6.85 10.76
C ASP A 11 -4.19 6.19 10.39
N LEU A 12 -4.53 5.03 10.93
CA LEU A 12 -5.71 4.27 10.55
C LEU A 12 -6.75 4.29 11.63
N ARG A 13 -7.98 4.16 11.21
CA ARG A 13 -9.10 4.07 12.13
C ARG A 13 -9.88 2.85 11.70
N ILE A 14 -10.42 2.08 12.64
CA ILE A 14 -11.27 0.94 12.30
C ILE A 14 -12.56 1.32 12.99
N GLY A 15 -13.60 1.61 12.19
CA GLY A 15 -14.88 2.06 12.72
C GLY A 15 -14.65 3.34 13.53
N ASP A 16 -15.11 3.39 14.77
CA ASP A 16 -14.98 4.60 15.56
C ASP A 16 -13.74 4.57 16.42
N GLU A 17 -12.62 4.06 15.95
CA GLU A 17 -11.50 3.92 16.84
C GLU A 17 -10.21 4.16 16.09
N ASP A 18 -9.44 5.06 16.69
CA ASP A 18 -8.09 5.35 16.28
C ASP A 18 -7.25 4.12 16.62
N VAL A 19 -6.72 3.42 15.61
CA VAL A 19 -6.02 2.19 15.92
C VAL A 19 -4.52 2.33 15.91
N GLY A 20 -3.88 3.35 15.34
CA GLY A 20 -2.43 3.47 15.37
C GLY A 20 -1.87 3.98 14.06
N ARG A 21 -0.55 3.98 14.01
CA ARG A 21 0.23 4.49 12.91
C ARG A 21 1.02 3.37 12.25
N VAL A 22 1.12 3.35 10.91
CA VAL A 22 1.90 2.38 10.13
C VAL A 22 2.93 3.28 9.46
N ILE A 23 4.22 2.94 9.42
CA ILE A 23 5.25 3.73 8.72
C ILE A 23 5.79 2.79 7.62
N PHE A 24 5.82 3.23 6.35
CA PHE A 24 6.35 2.46 5.23
C PHE A 24 7.71 2.99 4.86
N GLY A 25 8.63 2.13 4.45
CA GLY A 25 9.90 2.56 3.87
C GLY A 25 9.78 2.25 2.38
N LEU A 26 10.10 3.18 1.48
CA LEU A 26 9.90 3.00 0.04
C LEU A 26 11.24 2.95 -0.68
N PHE A 27 11.32 2.12 -1.71
CA PHE A 27 12.58 1.83 -2.40
C PHE A 27 12.71 2.64 -3.69
N GLY A 28 12.91 3.95 -3.49
CA GLY A 28 12.97 4.93 -4.58
C GLY A 28 14.16 4.74 -5.52
N LYS A 29 15.21 4.02 -5.16
CA LYS A 29 16.28 3.77 -6.11
C LYS A 29 15.90 2.57 -6.99
N THR A 30 15.03 1.66 -6.53
CA THR A 30 14.68 0.47 -7.30
C THR A 30 13.52 0.73 -8.24
N VAL A 31 12.49 1.39 -7.72
CA VAL A 31 11.30 1.69 -8.50
C VAL A 31 10.94 3.16 -8.26
N PRO A 32 11.76 4.11 -8.73
CA PRO A 32 11.55 5.53 -8.52
C PRO A 32 10.17 6.03 -8.91
N LYS A 33 9.65 5.62 -10.06
CA LYS A 33 8.38 6.19 -10.51
C LYS A 33 7.17 5.67 -9.77
N THR A 34 7.18 4.41 -9.34
CA THR A 34 6.08 3.84 -8.58
C THR A 34 6.17 4.44 -7.17
N VAL A 35 7.38 4.67 -6.64
CA VAL A 35 7.50 5.31 -5.34
C VAL A 35 7.03 6.76 -5.45
N ASP A 36 7.41 7.54 -6.47
CA ASP A 36 6.94 8.92 -6.58
C ASP A 36 5.43 9.09 -6.60
N ASN A 37 4.74 8.19 -7.30
CA ASN A 37 3.28 8.12 -7.36
C ASN A 37 2.65 7.92 -5.96
N PHE A 38 3.07 6.88 -5.24
CA PHE A 38 2.59 6.60 -3.89
C PHE A 38 2.83 7.75 -2.91
N VAL A 39 4.04 8.34 -2.94
CA VAL A 39 4.37 9.46 -2.04
C VAL A 39 3.51 10.65 -2.41
N ALA A 40 3.38 10.97 -3.69
CA ALA A 40 2.52 12.10 -4.10
C ALA A 40 1.06 11.89 -3.69
N LEU A 41 0.54 10.66 -3.76
CA LEU A 41 -0.81 10.45 -3.29
C LEU A 41 -0.90 10.50 -1.76
N ALA A 42 0.16 10.24 -1.00
CA ALA A 42 0.07 10.30 0.44
C ALA A 42 0.15 11.73 0.95
N THR A 43 0.81 12.63 0.22
CA THR A 43 0.89 14.02 0.66
C THR A 43 -0.33 14.80 0.13
N GLY A 44 -1.04 14.33 -0.90
CA GLY A 44 -2.16 15.04 -1.45
C GLY A 44 -1.68 16.19 -2.33
N GLU A 45 -0.38 16.18 -2.68
CA GLU A 45 0.27 17.20 -3.49
C GLU A 45 -0.47 17.67 -4.71
N LYS A 46 -0.89 16.74 -5.56
CA LYS A 46 -1.55 17.08 -6.79
C LYS A 46 -3.04 17.27 -6.60
N GLY A 47 -3.50 17.51 -5.38
CA GLY A 47 -4.90 17.79 -5.17
C GLY A 47 -5.81 16.59 -4.96
N PHE A 48 -5.31 15.36 -5.02
CA PHE A 48 -6.10 14.17 -4.75
C PHE A 48 -5.15 13.21 -4.06
N GLY A 49 -5.71 12.24 -3.33
CA GLY A 49 -4.84 11.31 -2.65
C GLY A 49 -5.59 10.39 -1.71
N TYR A 50 -4.78 9.79 -0.85
CA TYR A 50 -5.25 8.71 0.01
C TYR A 50 -5.93 9.18 1.29
N LYS A 51 -5.68 10.40 1.80
CA LYS A 51 -6.32 10.82 3.04
C LYS A 51 -7.83 10.69 2.95
N ASN A 52 -8.41 10.03 3.95
CA ASN A 52 -9.83 9.77 4.16
C ASN A 52 -10.35 8.65 3.29
N SER A 53 -9.51 7.92 2.54
CA SER A 53 -10.03 6.78 1.77
C SER A 53 -10.01 5.49 2.60
N LYS A 54 -10.59 4.41 2.08
CA LYS A 54 -10.78 3.20 2.86
C LYS A 54 -10.05 2.01 2.30
N PHE A 55 -9.85 0.99 3.13
CA PHE A 55 -9.35 -0.28 2.70
C PHE A 55 -10.62 -1.06 2.40
N HIS A 56 -10.85 -1.36 1.13
CA HIS A 56 -12.07 -2.02 0.74
C HIS A 56 -12.07 -3.54 0.75
N ARG A 57 -10.90 -4.21 0.88
CA ARG A 57 -10.86 -5.66 0.73
C ARG A 57 -9.77 -6.20 1.63
N VAL A 58 -10.11 -7.02 2.66
CA VAL A 58 -9.06 -7.57 3.51
C VAL A 58 -9.41 -9.04 3.64
N ILE A 59 -8.40 -9.87 3.54
CA ILE A 59 -8.55 -11.31 3.60
C ILE A 59 -7.47 -11.76 4.58
N LYS A 60 -7.90 -12.37 5.67
CA LYS A 60 -7.00 -12.87 6.71
C LYS A 60 -6.08 -13.90 6.05
N ASP A 61 -4.84 -13.93 6.52
CA ASP A 61 -3.75 -14.75 5.99
C ASP A 61 -3.42 -14.49 4.53
N PHE A 62 -3.74 -13.28 4.05
CA PHE A 62 -3.37 -12.94 2.71
C PHE A 62 -2.88 -11.51 2.63
N MET A 63 -3.73 -10.51 2.68
CA MET A 63 -3.30 -9.13 2.47
C MET A 63 -4.46 -8.22 2.79
N ILE A 64 -4.16 -6.92 2.93
CA ILE A 64 -5.21 -5.92 3.05
C ILE A 64 -5.01 -4.94 1.85
N GLN A 65 -6.09 -4.55 1.17
CA GLN A 65 -6.02 -3.78 -0.08
C GLN A 65 -6.75 -2.47 0.05
N GLY A 66 -6.14 -1.41 -0.47
CA GLY A 66 -6.75 -0.09 -0.37
C GLY A 66 -6.26 0.78 -1.50
N GLY A 67 -6.50 2.08 -1.39
CA GLY A 67 -5.99 3.06 -2.34
C GLY A 67 -7.01 3.49 -3.36
N ASP A 68 -8.23 2.94 -3.39
CA ASP A 68 -9.21 3.41 -4.37
C ASP A 68 -9.87 4.66 -3.80
N PHE A 69 -9.28 5.82 -4.00
CA PHE A 69 -9.87 7.01 -3.46
C PHE A 69 -10.96 7.62 -4.36
N THR A 70 -11.26 7.17 -5.58
CA THR A 70 -12.35 7.78 -6.34
C THR A 70 -13.65 7.03 -6.16
N ARG A 71 -13.68 5.72 -6.37
CA ARG A 71 -14.89 4.92 -6.22
C ARG A 71 -15.02 4.20 -4.89
N GLY A 72 -13.93 3.91 -4.17
CA GLY A 72 -13.98 3.20 -2.90
C GLY A 72 -14.37 1.73 -2.99
N ASP A 73 -14.45 1.13 -4.18
CA ASP A 73 -14.89 -0.27 -4.34
C ASP A 73 -13.94 -1.21 -5.07
N GLY A 74 -12.75 -0.78 -5.49
CA GLY A 74 -11.87 -1.64 -6.26
C GLY A 74 -11.84 -1.28 -7.73
N THR A 75 -12.81 -0.54 -8.26
CA THR A 75 -12.80 -0.21 -9.68
C THR A 75 -12.17 1.14 -9.98
N GLY A 76 -11.83 1.98 -8.99
CA GLY A 76 -11.37 3.34 -9.27
C GLY A 76 -9.92 3.59 -8.93
N GLY A 77 -9.62 4.85 -8.70
CA GLY A 77 -8.28 5.29 -8.38
C GLY A 77 -7.60 5.80 -9.65
N LYS A 78 -6.51 6.53 -9.56
CA LYS A 78 -5.78 7.02 -10.70
C LYS A 78 -4.41 7.39 -10.20
N SER A 79 -3.46 7.61 -11.09
CA SER A 79 -2.12 7.90 -10.62
C SER A 79 -1.77 9.34 -10.93
N ILE A 80 -0.58 9.78 -10.56
CA ILE A 80 -0.14 11.11 -10.96
C ILE A 80 0.32 11.12 -12.43
N TYR A 81 0.37 9.97 -13.08
CA TYR A 81 0.83 9.84 -14.44
C TYR A 81 -0.35 9.67 -15.35
N GLY A 82 -1.57 9.79 -14.91
CA GLY A 82 -2.69 9.52 -15.76
C GLY A 82 -3.50 8.43 -15.09
N GLU A 83 -4.55 7.93 -15.74
CA GLU A 83 -5.41 7.01 -15.05
C GLU A 83 -4.72 5.72 -14.71
N ARG A 84 -3.89 5.19 -15.59
CA ARG A 84 -3.14 3.97 -15.32
C ARG A 84 -1.72 4.16 -15.82
N PHE A 85 -0.71 3.44 -15.31
CA PHE A 85 0.60 3.60 -15.87
C PHE A 85 1.25 2.22 -15.97
N PRO A 86 2.29 2.03 -16.79
CA PRO A 86 2.91 0.73 -16.94
C PRO A 86 3.70 0.19 -15.77
N ASP A 87 3.91 -1.13 -15.78
CA ASP A 87 4.73 -1.79 -14.78
C ASP A 87 6.17 -1.32 -14.88
N GLU A 88 6.73 -0.78 -13.80
CA GLU A 88 8.06 -0.24 -13.87
C GLU A 88 9.12 -1.35 -13.96
N ASN A 89 9.13 -2.31 -13.05
CA ASN A 89 10.04 -3.44 -13.13
C ASN A 89 9.59 -4.39 -12.04
N PHE A 90 10.13 -5.61 -12.01
CA PHE A 90 9.73 -6.59 -11.02
C PHE A 90 10.99 -7.05 -10.28
N LYS A 91 11.89 -6.13 -9.94
CA LYS A 91 13.10 -6.50 -9.19
C LYS A 91 12.85 -7.04 -7.78
N LEU A 92 11.86 -6.48 -7.09
CA LEU A 92 11.57 -6.87 -5.71
C LEU A 92 10.43 -7.86 -5.72
N LYS A 93 10.39 -8.71 -4.70
CA LYS A 93 9.36 -9.74 -4.66
C LYS A 93 8.53 -9.61 -3.40
N HIS A 94 7.52 -10.44 -3.22
CA HIS A 94 6.62 -10.33 -2.08
C HIS A 94 7.24 -11.30 -1.09
N TYR A 95 8.34 -10.85 -0.48
CA TYR A 95 9.20 -11.67 0.35
C TYR A 95 8.59 -12.24 1.60
N GLY A 96 7.63 -11.62 2.23
CA GLY A 96 7.05 -12.14 3.45
C GLY A 96 6.00 -11.14 3.91
N PRO A 97 5.50 -11.21 5.13
CA PRO A 97 4.52 -10.24 5.64
C PRO A 97 5.07 -8.82 5.62
N GLY A 98 4.20 -7.84 5.41
CA GLY A 98 4.61 -6.46 5.52
C GLY A 98 5.21 -5.90 4.24
N TRP A 99 5.10 -6.50 3.04
CA TRP A 99 5.65 -5.87 1.84
C TRP A 99 4.51 -5.16 1.12
N VAL A 100 4.76 -4.01 0.49
CA VAL A 100 3.70 -3.22 -0.15
C VAL A 100 3.94 -3.29 -1.66
N SER A 101 2.84 -3.57 -2.34
CA SER A 101 2.85 -3.84 -3.76
C SER A 101 1.64 -3.24 -4.47
N MET A 102 1.74 -3.02 -5.79
CA MET A 102 0.64 -2.47 -6.57
C MET A 102 -0.38 -3.49 -7.01
N ALA A 103 -1.65 -3.16 -6.77
CA ALA A 103 -2.74 -3.99 -7.26
C ALA A 103 -2.93 -3.53 -8.72
N ASN A 104 -3.57 -4.32 -9.59
CA ASN A 104 -3.72 -3.90 -10.98
C ASN A 104 -4.82 -4.71 -11.61
N ALA A 105 -5.06 -4.55 -12.91
CA ALA A 105 -6.05 -5.38 -13.61
C ALA A 105 -5.35 -6.09 -14.76
N GLY A 106 -4.15 -6.62 -14.50
CA GLY A 106 -3.38 -7.28 -15.51
C GLY A 106 -2.18 -6.41 -15.83
N LYS A 107 -1.45 -6.76 -16.88
CA LYS A 107 -0.26 -6.05 -17.27
C LYS A 107 -0.48 -4.56 -17.58
N ASP A 108 0.43 -3.73 -17.03
CA ASP A 108 0.48 -2.28 -17.18
C ASP A 108 -0.79 -1.50 -16.83
N THR A 109 -1.42 -1.84 -15.71
CA THR A 109 -2.63 -1.14 -15.30
C THR A 109 -2.51 -0.67 -13.85
N ASN A 110 -1.38 -0.06 -13.51
CA ASN A 110 -1.21 0.47 -12.18
C ASN A 110 -1.97 1.78 -12.08
N GLY A 111 -2.59 2.08 -10.93
CA GLY A 111 -3.25 3.36 -10.72
C GLY A 111 -2.82 3.83 -9.33
N SER A 112 -3.69 3.68 -8.35
CA SER A 112 -3.37 4.09 -7.00
C SER A 112 -3.59 2.95 -5.99
N GLN A 113 -4.21 1.83 -6.39
CA GLN A 113 -4.49 0.76 -5.44
C GLN A 113 -3.24 -0.03 -5.11
N PHE A 114 -3.14 -0.45 -3.83
CA PHE A 114 -1.94 -1.11 -3.36
C PHE A 114 -2.42 -2.15 -2.38
N PHE A 115 -1.53 -3.06 -1.95
CA PHE A 115 -1.89 -4.00 -0.90
C PHE A 115 -0.65 -4.18 -0.05
N ILE A 116 -0.90 -4.62 1.16
CA ILE A 116 0.18 -4.90 2.13
C ILE A 116 -0.03 -6.38 2.42
N THR A 117 1.00 -7.20 2.20
CA THR A 117 0.88 -8.62 2.43
C THR A 117 0.91 -8.91 3.91
N THR A 118 0.20 -9.93 4.35
CA THR A 118 0.34 -10.35 5.72
C THR A 118 0.99 -11.73 5.78
N VAL A 119 1.37 -12.31 4.63
CA VAL A 119 2.05 -13.60 4.52
C VAL A 119 2.95 -13.48 3.28
N LYS A 120 3.88 -14.40 3.03
CA LYS A 120 4.66 -14.41 1.79
C LYS A 120 3.71 -14.74 0.65
N THR A 121 3.68 -14.01 -0.46
CA THR A 121 2.74 -14.37 -1.52
C THR A 121 3.53 -14.56 -2.80
N ALA A 122 4.30 -15.65 -2.85
CA ALA A 122 5.15 -15.93 -4.01
C ALA A 122 4.37 -16.06 -5.31
N TRP A 123 3.09 -16.45 -5.34
CA TRP A 123 2.37 -16.53 -6.59
C TRP A 123 2.14 -15.18 -7.25
N LEU A 124 2.34 -14.05 -6.56
CA LEU A 124 2.17 -12.76 -7.18
C LEU A 124 3.45 -12.18 -7.70
N ASP A 125 4.60 -12.83 -7.44
CA ASP A 125 5.88 -12.34 -7.95
C ASP A 125 5.91 -12.27 -9.45
N GLY A 126 6.42 -11.15 -9.96
CA GLY A 126 6.51 -10.96 -11.40
C GLY A 126 5.23 -10.44 -12.03
N LYS A 127 4.12 -10.37 -11.31
CA LYS A 127 2.88 -9.83 -11.83
C LYS A 127 2.48 -8.51 -11.16
N HIS A 128 3.01 -8.20 -9.96
CA HIS A 128 2.65 -6.99 -9.24
C HIS A 128 3.92 -6.29 -8.84
N VAL A 129 4.03 -4.96 -9.02
CA VAL A 129 5.23 -4.23 -8.69
C VAL A 129 5.33 -3.95 -7.18
N VAL A 130 6.33 -4.51 -6.53
CA VAL A 130 6.59 -4.34 -5.10
C VAL A 130 7.41 -3.07 -4.95
N PHE A 131 7.10 -2.16 -4.04
CA PHE A 131 7.86 -0.92 -3.95
C PHE A 131 8.13 -0.47 -2.54
N GLY A 132 7.76 -1.19 -1.46
CA GLY A 132 8.05 -0.69 -0.12
C GLY A 132 7.81 -1.78 0.90
N LYS A 133 8.03 -1.52 2.19
CA LYS A 133 7.70 -2.51 3.22
C LYS A 133 7.34 -1.74 4.48
N VAL A 134 6.60 -2.37 5.37
CA VAL A 134 6.22 -1.76 6.65
C VAL A 134 7.48 -1.77 7.52
N LEU A 135 7.87 -0.61 8.03
CA LEU A 135 8.97 -0.53 8.96
C LEU A 135 8.44 -0.53 10.38
N GLU A 136 7.30 0.13 10.67
CA GLU A 136 6.81 0.21 12.03
C GLU A 136 5.31 0.12 11.96
N GLY A 137 4.67 -0.59 12.87
CA GLY A 137 3.23 -0.68 12.78
C GLY A 137 2.76 -2.01 12.29
N MET A 138 3.53 -3.10 12.22
CA MET A 138 2.95 -4.35 11.74
C MET A 138 1.79 -4.81 12.61
N GLU A 139 1.82 -4.53 13.91
CA GLU A 139 0.69 -4.90 14.77
C GLU A 139 -0.56 -4.14 14.42
N VAL A 140 -0.55 -2.93 13.81
CA VAL A 140 -1.84 -2.33 13.49
C VAL A 140 -2.25 -2.91 12.12
N VAL A 141 -1.30 -3.34 11.25
CA VAL A 141 -1.67 -4.09 10.04
C VAL A 141 -2.37 -5.36 10.47
N ARG A 142 -1.91 -6.11 11.48
CA ARG A 142 -2.64 -7.32 11.91
C ARG A 142 -4.02 -7.06 12.50
N LYS A 143 -4.26 -5.90 13.14
CA LYS A 143 -5.61 -5.58 13.58
C LYS A 143 -6.51 -5.34 12.38
N VAL A 144 -6.07 -4.69 11.29
CA VAL A 144 -6.98 -4.56 10.15
C VAL A 144 -7.17 -5.95 9.55
N GLU A 145 -6.11 -6.76 9.45
CA GLU A 145 -6.21 -8.11 8.88
C GLU A 145 -7.26 -8.95 9.58
N SER A 146 -7.42 -8.78 10.89
CA SER A 146 -8.41 -9.51 11.66
C SER A 146 -9.79 -8.86 11.76
N THR A 147 -10.14 -7.74 11.11
CA THR A 147 -11.49 -7.21 11.26
C THR A 147 -12.48 -8.12 10.56
N LYS A 148 -13.70 -8.19 11.10
CA LYS A 148 -14.73 -8.97 10.43
C LYS A 148 -15.11 -8.40 9.06
N THR A 149 -15.28 -9.27 8.06
CA THR A 149 -15.66 -8.84 6.72
C THR A 149 -16.95 -9.54 6.30
N ASP A 150 -17.66 -8.97 5.33
CA ASP A 150 -18.83 -9.67 4.79
C ASP A 150 -18.39 -10.76 3.79
N SER A 151 -19.27 -11.37 3.00
CA SER A 151 -18.88 -12.45 2.13
C SER A 151 -18.18 -11.97 0.87
N ARG A 152 -18.06 -10.66 0.63
CA ARG A 152 -17.32 -10.09 -0.50
C ARG A 152 -15.97 -9.56 0.02
N ASP A 153 -15.59 -9.93 1.24
CA ASP A 153 -14.32 -9.55 1.86
C ASP A 153 -14.15 -8.05 2.13
N LYS A 154 -15.29 -7.39 2.24
CA LYS A 154 -15.29 -5.98 2.57
C LYS A 154 -15.45 -5.84 4.10
N PRO A 155 -14.59 -5.07 4.81
CA PRO A 155 -14.71 -4.83 6.24
C PRO A 155 -16.11 -4.36 6.63
N LEU A 156 -16.68 -4.91 7.71
CA LEU A 156 -17.99 -4.44 8.15
C LEU A 156 -17.86 -3.08 8.82
N LYS A 157 -16.74 -2.77 9.47
CA LYS A 157 -16.50 -1.45 10.00
C LYS A 157 -15.49 -0.82 9.04
N ASP A 158 -15.69 0.41 8.61
CA ASP A 158 -14.78 1.06 7.68
C ASP A 158 -13.39 1.23 8.21
N VAL A 159 -12.41 0.87 7.41
CA VAL A 159 -11.03 1.03 7.81
C VAL A 159 -10.58 2.24 6.99
N ILE A 160 -10.27 3.35 7.67
CA ILE A 160 -10.02 4.63 7.06
C ILE A 160 -8.59 5.05 7.29
N ILE A 161 -8.01 5.65 6.26
CA ILE A 161 -6.73 6.32 6.37
C ILE A 161 -7.09 7.72 6.87
N ALA A 162 -7.02 7.99 8.16
CA ALA A 162 -7.41 9.27 8.72
C ALA A 162 -6.40 10.36 8.47
N ASP A 163 -5.11 10.06 8.32
CA ASP A 163 -4.11 11.09 8.02
C ASP A 163 -2.95 10.31 7.41
N CYS A 164 -2.12 10.98 6.62
CA CYS A 164 -1.02 10.35 5.94
C CYS A 164 -0.09 11.44 5.48
N GLY A 165 1.17 11.17 5.26
CA GLY A 165 2.12 12.19 4.88
C GLY A 165 3.48 11.54 4.63
N LYS A 166 4.48 12.34 4.27
CA LYS A 166 5.82 11.87 3.93
C LYS A 166 6.75 12.23 5.09
N ILE A 167 7.76 11.41 5.30
CA ILE A 167 8.82 11.66 6.28
C ILE A 167 10.11 11.53 5.47
N GLU A 168 10.83 12.62 5.39
CA GLU A 168 12.08 12.76 4.65
C GLU A 168 13.16 11.82 5.17
N VAL A 169 14.04 11.30 4.32
CA VAL A 169 15.14 10.45 4.80
C VAL A 169 16.41 11.18 4.36
N GLU A 170 17.36 11.56 5.23
CA GLU A 170 18.54 12.30 4.79
C GLU A 170 19.61 11.41 4.20
N LYS A 171 19.63 10.15 4.59
CA LYS A 171 20.61 9.22 4.12
C LYS A 171 19.87 7.92 3.85
N PRO A 172 19.71 7.46 2.61
CA PRO A 172 19.07 6.15 2.30
C PRO A 172 19.72 5.03 3.10
N PHE A 173 18.97 4.07 3.62
CA PHE A 173 19.56 3.04 4.45
C PHE A 173 19.01 1.69 4.00
N ALA A 174 19.78 0.63 4.17
CA ALA A 174 19.38 -0.70 3.74
C ALA A 174 18.50 -1.36 4.79
N ILE A 175 17.57 -2.17 4.35
CA ILE A 175 16.83 -2.95 5.35
C ILE A 175 17.67 -4.12 5.91
N ALA A 176 17.26 -4.67 7.07
CA ALA A 176 17.83 -5.82 7.78
C ALA A 176 17.94 -6.96 6.79
N LYS A 177 19.19 -7.34 6.86
CA LYS A 177 19.85 -8.02 5.77
C LYS A 177 20.41 -9.42 5.81
N GLU A 178 19.62 -10.18 5.10
CA GLU A 178 19.90 -11.55 4.72
C GLU A 178 18.68 -11.87 3.85
N VAL B 9 -12.63 -8.93 -9.94
CA VAL B 9 -12.07 -9.71 -8.85
C VAL B 9 -12.21 -11.20 -9.22
N ALA B 11 -11.35 -15.67 -8.68
CA ALA B 11 -11.31 -16.64 -7.59
C ALA B 11 -9.88 -16.89 -7.12
#